data_3NY9
#
_entry.id   3NY9
#
_cell.length_a   40.580
_cell.length_b   75.900
_cell.length_c   174.180
_cell.angle_alpha   90.00
_cell.angle_beta   90.00
_cell.angle_gamma   90.00
#
_symmetry.space_group_name_H-M   'P 21 21 21'
#
loop_
_entity.id
_entity.type
_entity.pdbx_description
1 polymer 'Beta-2 adrenergic receptor, Lysozyme'
2 non-polymer CHOLESTEROL
3 non-polymer 'ethyl 4-({(2S)-2-hydroxy-3-[(1-methylethyl)amino]propyl}oxy)-3-methyl-1-benzofuran-2-carboxylate'
4 non-polymer '(2R)-2,3-dihydroxypropyl (9Z)-octadec-9-enoate'
5 water water
#
_entity_poly.entity_id   1
_entity_poly.type   'polypeptide(L)'
_entity_poly.pdbx_seq_one_letter_code
;DYKDDDDAMGQPGNGSAFLLAPNRSHAPDHDVTQQRDEVWVVGMGIVMSLIVLAIVFGNVLVITAIAKFERLQTVTNYFI
TSLACADLVMGLAVVPFGAAHILMKMWTFGNFWCEFWTSIDVLCVTASIWTLCVIAVDRYFAITSPFKYQSLLTKNKARV
IILMVWIVSGLTSFLPIQMHWYRATHQEAINCYAEETCCDFFTNQAYAIASSIVSFYVPLVIMVFVYSRVFQEAKRQLNI
FEMLRIDEGLRLKIYKDTEGYYTIGIGHLLTKSPSLNAAKSELDKAIGRNTNGVITKDEAEKLFNQDVDAAVRGILRNAK
LKPVYDSLDAVRRAALINMVFQMGETGVAGFTNSLRMLQQKRWDEAAVNLAKSRWYNQTPNRAKRVITTFRTGTWDAYKF
CLKEHKALKTLGIIMGTFTLCWLPFFIVNIVHVIQDNLIRKEVYILLNWIGYVNSGFNPLIYCRSPDFRIAFQELLCLRR
SSLKHHHHHH
;
_entity_poly.pdbx_strand_id   A
#
# COMPACT_ATOMS: atom_id res chain seq x y z
N TRP A 40 -18.99 34.30 11.89
CA TRP A 40 -18.78 33.06 11.08
C TRP A 40 -17.33 32.87 10.62
N VAL A 41 -16.60 33.97 10.44
CA VAL A 41 -15.16 33.93 10.09
C VAL A 41 -14.32 33.30 11.22
N VAL A 42 -14.85 33.36 12.44
CA VAL A 42 -14.31 32.62 13.58
C VAL A 42 -14.32 31.12 13.27
N GLY A 43 -15.43 30.64 12.72
CA GLY A 43 -15.57 29.24 12.31
C GLY A 43 -14.39 28.72 11.51
N MET A 44 -14.05 29.42 10.43
CA MET A 44 -12.87 29.10 9.63
C MET A 44 -11.61 29.00 10.48
N GLY A 45 -11.40 30.00 11.34
CA GLY A 45 -10.26 30.04 12.26
C GLY A 45 -10.09 28.76 13.07
N ILE A 46 -11.17 28.30 13.69
CA ILE A 46 -11.15 27.02 14.43
C ILE A 46 -10.86 25.86 13.47
N VAL A 47 -11.64 25.79 12.39
CA VAL A 47 -11.49 24.79 11.36
C VAL A 47 -10.03 24.71 10.87
N MET A 48 -9.42 25.85 10.60
CA MET A 48 -8.05 25.93 10.10
C MET A 48 -7.00 25.58 11.16
N SER A 49 -7.29 25.89 12.42
CA SER A 49 -6.40 25.59 13.55
C SER A 49 -6.38 24.09 13.84
N LEU A 50 -7.56 23.49 13.83
CA LEU A 50 -7.70 22.04 14.02
C LEU A 50 -6.97 21.25 12.93
N ILE A 51 -6.91 21.83 11.73
CA ILE A 51 -6.24 21.20 10.58
C ILE A 51 -4.71 21.18 10.78
N VAL A 52 -4.12 22.34 11.08
CA VAL A 52 -2.68 22.46 11.37
C VAL A 52 -2.24 21.42 12.42
N LEU A 53 -2.98 21.38 13.54
CA LEU A 53 -2.69 20.46 14.62
C LEU A 53 -2.66 18.99 14.16
N ALA A 54 -3.67 18.58 13.40
CA ALA A 54 -3.78 17.21 12.91
C ALA A 54 -2.64 16.83 11.98
N ILE A 55 -2.22 17.80 11.17
CA ILE A 55 -1.09 17.60 10.28
C ILE A 55 0.20 17.39 11.07
N VAL A 56 0.46 18.28 12.05
CA VAL A 56 1.65 18.15 12.91
C VAL A 56 1.60 16.91 13.81
N PHE A 57 0.48 16.73 14.50
CA PHE A 57 0.32 15.63 15.45
C PHE A 57 0.49 14.32 14.73
N GLY A 58 -0.32 14.14 13.69
CA GLY A 58 -0.29 12.94 12.86
C GLY A 58 1.10 12.63 12.33
N ASN A 59 1.74 13.62 11.71
CA ASN A 59 3.02 13.38 11.06
C ASN A 59 4.22 13.21 11.99
N VAL A 60 4.28 13.97 13.09
CA VAL A 60 5.35 13.75 14.09
C VAL A 60 5.23 12.35 14.69
N LEU A 61 4.00 11.84 14.77
CA LEU A 61 3.76 10.46 15.18
C LEU A 61 4.45 9.47 14.23
N VAL A 62 4.11 9.57 12.93
CA VAL A 62 4.66 8.69 11.90
C VAL A 62 6.19 8.72 11.87
N ILE A 63 6.75 9.93 11.88
CA ILE A 63 8.20 10.13 11.96
C ILE A 63 8.82 9.38 13.14
N THR A 64 8.28 9.57 14.35
CA THR A 64 8.83 8.95 15.57
C THR A 64 8.64 7.43 15.67
N ALA A 65 7.50 6.95 15.18
CA ALA A 65 7.20 5.51 15.09
C ALA A 65 8.30 4.75 14.37
N ILE A 66 8.72 5.28 13.21
CA ILE A 66 9.77 4.67 12.38
C ILE A 66 11.15 4.89 13.01
N ALA A 67 11.40 6.10 13.50
CA ALA A 67 12.69 6.44 14.12
C ALA A 67 13.03 5.58 15.34
N LYS A 68 12.01 5.18 16.10
CA LYS A 68 12.24 4.44 17.36
C LYS A 68 12.09 2.91 17.26
N PHE A 69 11.29 2.43 16.32
CA PHE A 69 10.99 0.99 16.22
C PHE A 69 11.65 0.31 15.03
N GLU A 70 12.46 -0.70 15.30
CA GLU A 70 13.28 -1.37 14.29
C GLU A 70 12.44 -2.15 13.28
N ARG A 71 11.42 -2.84 13.78
CA ARG A 71 10.51 -3.60 12.92
C ARG A 71 9.97 -2.73 11.78
N LEU A 72 10.12 -1.41 11.94
CA LEU A 72 9.64 -0.44 10.96
C LEU A 72 10.76 0.34 10.25
N GLN A 73 12.01 -0.01 10.51
CA GLN A 73 13.12 0.66 9.83
C GLN A 73 13.46 -0.04 8.52
N THR A 74 12.53 0.06 7.57
CA THR A 74 12.67 -0.53 6.26
C THR A 74 12.76 0.55 5.20
N VAL A 75 13.22 0.15 4.01
CA VAL A 75 13.37 1.05 2.86
C VAL A 75 12.07 1.82 2.55
N THR A 76 10.95 1.11 2.47
CA THR A 76 9.65 1.72 2.21
C THR A 76 9.32 2.77 3.28
N ASN A 77 9.49 2.40 4.56
CA ASN A 77 9.28 3.35 5.64
C ASN A 77 10.31 4.50 5.72
N TYR A 78 11.45 4.35 5.05
CA TYR A 78 12.37 5.48 4.89
C TYR A 78 11.76 6.53 3.95
N PHE A 79 11.21 6.07 2.83
CA PHE A 79 10.49 6.95 1.90
C PHE A 79 9.23 7.56 2.53
N ILE A 80 8.53 6.78 3.36
CA ILE A 80 7.38 7.30 4.09
C ILE A 80 7.79 8.43 5.06
N THR A 81 8.98 8.29 5.67
CA THR A 81 9.58 9.38 6.46
C THR A 81 9.81 10.65 5.65
N SER A 82 10.31 10.49 4.41
CA SER A 82 10.47 11.63 3.50
C SER A 82 9.13 12.28 3.21
N LEU A 83 8.10 11.45 3.03
CA LEU A 83 6.72 11.90 2.85
C LEU A 83 6.17 12.63 4.06
N ALA A 84 6.31 12.02 5.24
CA ALA A 84 5.81 12.62 6.46
C ALA A 84 6.49 13.94 6.78
N CYS A 85 7.82 13.99 6.58
CA CYS A 85 8.62 15.21 6.71
C CYS A 85 8.04 16.37 5.92
N ALA A 86 7.77 16.11 4.63
CA ALA A 86 7.13 17.07 3.74
C ALA A 86 5.76 17.54 4.23
N ASP A 87 4.99 16.65 4.84
CA ASP A 87 3.70 17.06 5.36
C ASP A 87 3.84 17.78 6.70
N LEU A 88 4.90 17.46 7.45
CA LEU A 88 5.21 18.20 8.69
C LEU A 88 5.68 19.63 8.43
N VAL A 89 6.53 19.82 7.43
CA VAL A 89 6.99 21.16 7.05
C VAL A 89 5.80 21.93 6.50
N MET A 90 4.92 21.21 5.79
CA MET A 90 3.67 21.77 5.27
C MET A 90 2.82 22.33 6.41
N GLY A 91 2.55 21.48 7.41
CA GLY A 91 1.78 21.88 8.59
C GLY A 91 2.42 22.96 9.45
N LEU A 92 3.72 22.84 9.70
CA LEU A 92 4.42 23.84 10.51
C LEU A 92 4.68 25.16 9.76
N ALA A 93 5.30 25.07 8.59
CA ALA A 93 5.78 26.27 7.86
C ALA A 93 4.85 26.85 6.79
N VAL A 94 3.77 26.17 6.44
CA VAL A 94 3.01 26.56 5.24
C VAL A 94 1.55 26.86 5.47
N VAL A 95 0.82 25.90 6.00
CA VAL A 95 -0.62 26.06 6.26
C VAL A 95 -0.97 27.24 7.20
N PRO A 96 -0.28 27.38 8.35
CA PRO A 96 -0.61 28.49 9.27
C PRO A 96 -0.64 29.86 8.60
N PHE A 97 0.39 30.18 7.82
CA PHE A 97 0.49 31.45 7.11
C PHE A 97 -0.48 31.51 5.92
N GLY A 98 -1.06 30.37 5.59
CA GLY A 98 -2.13 30.32 4.59
C GLY A 98 -3.45 30.74 5.21
N ALA A 99 -3.65 30.33 6.47
CA ALA A 99 -4.85 30.62 7.25
C ALA A 99 -4.92 32.10 7.66
N ALA A 100 -3.77 32.63 8.08
CA ALA A 100 -3.64 34.05 8.41
C ALA A 100 -3.90 34.92 7.18
N HIS A 101 -3.39 34.48 6.03
CA HIS A 101 -3.60 35.20 4.78
C HIS A 101 -5.09 35.34 4.46
N ILE A 102 -5.81 34.23 4.53
CA ILE A 102 -7.24 34.24 4.25
C ILE A 102 -8.02 35.05 5.30
N LEU A 103 -7.80 34.76 6.59
CA LEU A 103 -8.56 35.41 7.67
C LEU A 103 -8.31 36.92 7.83
N MET A 104 -7.14 37.37 7.38
CA MET A 104 -6.79 38.78 7.47
C MET A 104 -7.01 39.54 6.16
N LYS A 105 -7.35 38.79 5.10
CA LYS A 105 -7.49 39.34 3.74
C LYS A 105 -6.30 40.19 3.31
N MET A 106 -5.11 39.84 3.82
CA MET A 106 -3.87 40.51 3.46
C MET A 106 -2.68 39.69 3.95
N TRP A 107 -1.50 40.03 3.42
CA TRP A 107 -0.26 39.44 3.87
C TRP A 107 0.25 40.31 5.01
N THR A 108 0.69 39.67 6.10
CA THR A 108 1.18 40.38 7.28
C THR A 108 2.69 40.24 7.46
N PHE A 109 3.33 39.41 6.63
CA PHE A 109 4.67 38.88 6.94
C PHE A 109 5.82 39.39 6.07
N GLY A 110 5.55 40.39 5.24
CA GLY A 110 6.57 41.01 4.40
C GLY A 110 6.91 40.22 3.14
N ASN A 111 7.80 40.80 2.33
CA ASN A 111 8.16 40.24 1.03
C ASN A 111 9.07 39.02 1.09
N PHE A 112 10.05 39.04 2.00
CA PHE A 112 11.00 37.93 2.08
C PHE A 112 10.31 36.60 2.40
N TRP A 113 9.48 36.61 3.42
CA TRP A 113 8.75 35.41 3.82
C TRP A 113 7.63 35.08 2.82
N CYS A 114 7.15 36.09 2.09
CA CYS A 114 6.22 35.85 1.00
C CYS A 114 6.86 34.94 -0.05
N GLU A 115 8.09 35.29 -0.44
CA GLU A 115 8.83 34.52 -1.41
C GLU A 115 9.15 33.13 -0.87
N PHE A 116 9.70 33.09 0.35
CA PHE A 116 10.15 31.85 0.98
C PHE A 116 8.98 30.91 1.26
N TRP A 117 7.87 31.46 1.76
CA TRP A 117 6.62 30.72 1.97
C TRP A 117 6.17 29.98 0.70
N THR A 118 6.22 30.67 -0.44
CA THR A 118 5.87 30.07 -1.73
C THR A 118 6.85 28.98 -2.12
N SER A 119 8.14 29.27 -2.06
CA SER A 119 9.20 28.31 -2.42
C SER A 119 9.19 27.04 -1.57
N ILE A 120 8.91 27.20 -0.28
CA ILE A 120 8.77 26.07 0.64
C ILE A 120 7.53 25.26 0.30
N ASP A 121 6.41 25.95 0.05
CA ASP A 121 5.14 25.31 -0.28
C ASP A 121 5.33 24.40 -1.48
N VAL A 122 5.77 24.99 -2.59
CA VAL A 122 6.00 24.26 -3.83
C VAL A 122 6.93 23.07 -3.60
N LEU A 123 8.00 23.28 -2.82
CA LEU A 123 8.95 22.21 -2.52
C LEU A 123 8.30 20.98 -1.89
N CYS A 124 7.42 21.20 -0.93
CA CYS A 124 6.78 20.13 -0.17
C CYS A 124 5.87 19.29 -1.04
N VAL A 125 5.15 19.95 -1.95
CA VAL A 125 4.27 19.27 -2.89
C VAL A 125 5.03 18.46 -3.93
N THR A 126 6.06 19.07 -4.51
CA THR A 126 6.98 18.44 -5.46
C THR A 126 7.70 17.23 -4.85
N ALA A 127 8.34 17.43 -3.69
CA ALA A 127 9.12 16.39 -3.04
C ALA A 127 8.25 15.22 -2.61
N SER A 128 6.98 15.50 -2.30
CA SER A 128 5.97 14.48 -2.02
C SER A 128 5.70 13.60 -3.23
N ILE A 129 5.31 14.21 -4.34
CA ILE A 129 4.87 13.46 -5.51
C ILE A 129 5.98 12.62 -6.13
N TRP A 130 7.21 13.13 -6.09
CA TRP A 130 8.37 12.40 -6.62
C TRP A 130 8.77 11.25 -5.70
N THR A 131 8.73 11.51 -4.40
CA THR A 131 8.80 10.44 -3.38
C THR A 131 7.71 9.36 -3.62
N LEU A 132 6.49 9.77 -3.94
CA LEU A 132 5.43 8.80 -4.26
C LEU A 132 5.74 8.03 -5.53
N CYS A 133 6.25 8.74 -6.54
CA CYS A 133 6.74 8.10 -7.77
C CYS A 133 7.89 7.13 -7.54
N VAL A 134 8.77 7.46 -6.58
CA VAL A 134 9.88 6.59 -6.23
C VAL A 134 9.38 5.34 -5.50
N ILE A 135 8.52 5.52 -4.49
CA ILE A 135 7.87 4.39 -3.80
C ILE A 135 7.24 3.46 -4.83
N ALA A 136 6.47 4.05 -5.76
CA ALA A 136 5.87 3.31 -6.87
C ALA A 136 6.87 2.47 -7.65
N VAL A 137 8.03 3.07 -7.97
CA VAL A 137 9.06 2.40 -8.76
C VAL A 137 9.75 1.30 -7.96
N ASP A 138 10.11 1.61 -6.73
CA ASP A 138 10.77 0.65 -5.84
C ASP A 138 9.94 -0.62 -5.64
N ARG A 139 8.62 -0.47 -5.49
CA ARG A 139 7.70 -1.61 -5.34
C ARG A 139 7.54 -2.47 -6.61
N TYR A 140 7.70 -1.86 -7.77
CA TYR A 140 7.74 -2.59 -9.02
C TYR A 140 8.96 -3.52 -9.11
N PHE A 141 10.14 -3.01 -8.77
CA PHE A 141 11.35 -3.81 -8.84
C PHE A 141 11.38 -4.93 -7.79
N ALA A 142 10.75 -4.68 -6.65
CA ALA A 142 10.65 -5.65 -5.56
C ALA A 142 9.75 -6.82 -5.95
N ILE A 143 8.57 -6.52 -6.49
CA ILE A 143 7.57 -7.54 -6.80
C ILE A 143 7.97 -8.40 -8.01
N THR A 144 8.85 -7.88 -8.86
CA THR A 144 9.31 -8.63 -10.05
C THR A 144 10.59 -9.41 -9.76
N SER A 145 11.33 -9.02 -8.73
CA SER A 145 12.53 -9.74 -8.32
C SER A 145 12.15 -11.00 -7.56
N PRO A 146 12.96 -12.08 -7.71
CA PRO A 146 12.79 -13.30 -6.92
C PRO A 146 12.60 -13.03 -5.43
N PHE A 147 13.17 -11.95 -4.93
CA PHE A 147 12.90 -11.48 -3.56
C PHE A 147 11.62 -10.66 -3.52
N LYS A 148 10.51 -11.36 -3.72
CA LYS A 148 9.18 -10.76 -3.74
C LYS A 148 8.93 -9.98 -2.46
N TYR A 149 8.53 -8.73 -2.62
CA TYR A 149 8.10 -7.83 -1.51
C TYR A 149 9.21 -7.08 -0.77
N GLN A 150 10.47 -7.38 -1.08
CA GLN A 150 11.60 -6.67 -0.46
C GLN A 150 12.33 -5.82 -1.50
N SER A 151 12.64 -4.58 -1.15
CA SER A 151 13.35 -3.64 -2.02
C SER A 151 14.74 -4.12 -2.42
N LEU A 152 15.14 -3.80 -3.65
CA LEU A 152 16.50 -4.06 -4.13
C LEU A 152 17.49 -3.05 -3.57
N LEU A 153 16.98 -1.92 -3.08
CA LEU A 153 17.81 -0.86 -2.56
C LEU A 153 18.22 -1.20 -1.14
N THR A 154 19.39 -0.71 -0.75
CA THR A 154 19.84 -0.80 0.62
C THR A 154 19.38 0.47 1.36
N LYS A 155 19.39 0.43 2.69
CA LYS A 155 19.01 1.59 3.49
C LYS A 155 19.81 2.82 3.08
N ASN A 156 21.14 2.67 2.94
CA ASN A 156 22.01 3.76 2.49
C ASN A 156 21.63 4.31 1.12
N LYS A 157 21.45 3.42 0.14
CA LYS A 157 20.95 3.78 -1.19
C LYS A 157 19.64 4.58 -1.11
N ALA A 158 18.72 4.17 -0.24
CA ALA A 158 17.45 4.87 -0.06
C ALA A 158 17.61 6.28 0.50
N ARG A 159 18.56 6.45 1.43
CA ARG A 159 18.90 7.76 1.99
C ARG A 159 19.37 8.72 0.91
N VAL A 160 20.11 8.19 -0.06
CA VAL A 160 20.64 9.00 -1.16
C VAL A 160 19.53 9.46 -2.09
N ILE A 161 18.71 8.53 -2.59
CA ILE A 161 17.58 8.87 -3.45
C ILE A 161 16.74 10.01 -2.86
N ILE A 162 16.44 9.91 -1.56
CA ILE A 162 15.64 10.91 -0.84
C ILE A 162 16.33 12.27 -0.87
N LEU A 163 17.62 12.26 -0.58
CA LEU A 163 18.46 13.46 -0.55
C LEU A 163 18.54 14.12 -1.93
N MET A 164 18.60 13.31 -2.98
CA MET A 164 18.59 13.80 -4.36
C MET A 164 17.24 14.40 -4.70
N VAL A 165 16.17 13.69 -4.34
CA VAL A 165 14.81 14.16 -4.57
C VAL A 165 14.66 15.55 -3.95
N TRP A 166 15.07 15.67 -2.68
CA TRP A 166 14.95 16.94 -1.97
C TRP A 166 15.84 18.05 -2.52
N ILE A 167 17.09 17.71 -2.86
CA ILE A 167 18.00 18.68 -3.47
C ILE A 167 17.47 19.19 -4.82
N VAL A 168 17.12 18.25 -5.71
CA VAL A 168 16.61 18.61 -7.03
C VAL A 168 15.28 19.37 -6.96
N SER A 169 14.34 18.87 -6.15
CA SER A 169 13.08 19.57 -5.88
C SER A 169 13.34 20.96 -5.30
N GLY A 170 14.34 21.05 -4.42
CA GLY A 170 14.81 22.31 -3.84
C GLY A 170 15.37 23.28 -4.85
N LEU A 171 15.98 22.74 -5.91
CA LEU A 171 16.42 23.59 -7.02
C LEU A 171 15.22 24.12 -7.78
N THR A 172 14.47 23.20 -8.39
CA THR A 172 13.29 23.53 -9.19
C THR A 172 12.24 24.41 -8.49
N SER A 173 12.18 24.34 -7.16
CA SER A 173 11.20 25.15 -6.43
C SER A 173 11.74 26.52 -6.05
N PHE A 174 12.90 26.56 -5.41
CA PHE A 174 13.47 27.83 -4.94
C PHE A 174 14.05 28.68 -6.05
N LEU A 175 14.83 28.06 -6.92
CA LEU A 175 15.59 28.78 -7.94
C LEU A 175 14.71 29.63 -8.85
N PRO A 176 13.70 29.03 -9.53
CA PRO A 176 12.82 29.87 -10.36
C PRO A 176 12.11 31.02 -9.64
N ILE A 177 12.08 30.98 -8.32
CA ILE A 177 11.37 32.00 -7.55
C ILE A 177 12.30 33.10 -7.06
N GLN A 178 13.48 32.71 -6.59
CA GLN A 178 14.49 33.70 -6.20
C GLN A 178 15.03 34.46 -7.42
N MET A 179 15.10 33.78 -8.57
CA MET A 179 15.54 34.37 -9.83
C MET A 179 14.43 35.14 -10.58
N HIS A 180 13.24 35.18 -9.98
CA HIS A 180 12.06 35.88 -10.55
C HIS A 180 11.55 35.36 -11.91
N TRP A 181 12.01 34.19 -12.37
CA TRP A 181 11.59 33.65 -13.67
C TRP A 181 10.09 33.36 -13.74
N TYR A 182 9.42 33.28 -12.59
CA TYR A 182 8.00 32.94 -12.51
C TYR A 182 7.07 34.06 -12.91
N ARG A 183 7.57 35.30 -12.84
CA ARG A 183 6.72 36.50 -12.77
C ARG A 183 5.95 36.86 -14.03
N ALA A 184 4.68 37.22 -13.84
CA ALA A 184 3.86 37.81 -14.89
C ALA A 184 4.27 39.27 -15.08
N THR A 185 3.92 39.87 -16.21
CA THR A 185 4.29 41.26 -16.49
C THR A 185 3.10 42.20 -16.64
N HIS A 186 1.89 41.68 -16.48
CA HIS A 186 0.69 42.52 -16.56
C HIS A 186 0.54 43.35 -15.29
N GLN A 187 -0.21 44.45 -15.40
CA GLN A 187 -0.30 45.46 -14.33
C GLN A 187 -0.77 44.93 -12.97
N GLU A 188 -1.87 44.19 -12.96
CA GLU A 188 -2.39 43.61 -11.72
C GLU A 188 -1.31 42.85 -10.93
N ALA A 189 -0.39 42.22 -11.67
CA ALA A 189 0.69 41.43 -11.08
C ALA A 189 1.86 42.26 -10.56
N ILE A 190 2.41 43.16 -11.40
CA ILE A 190 3.55 44.00 -11.02
C ILE A 190 3.23 44.85 -9.80
N ASN A 191 1.94 45.17 -9.65
CA ASN A 191 1.42 45.88 -8.47
C ASN A 191 1.52 45.06 -7.20
N CYS A 192 1.18 43.77 -7.30
CA CYS A 192 1.27 42.85 -6.18
C CYS A 192 2.71 42.60 -5.73
N TYR A 193 3.66 42.73 -6.67
CA TYR A 193 5.08 42.56 -6.35
C TYR A 193 5.67 43.74 -5.58
N ALA A 194 5.43 44.95 -6.07
CA ALA A 194 5.91 46.18 -5.42
C ALA A 194 5.24 46.40 -4.06
N GLU A 195 4.07 45.80 -3.87
CA GLU A 195 3.31 45.89 -2.63
C GLU A 195 3.66 44.78 -1.63
N GLU A 196 4.33 45.16 -0.54
CA GLU A 196 4.76 44.22 0.51
C GLU A 196 3.63 43.45 1.15
N THR A 197 2.44 44.03 1.16
CA THR A 197 1.28 43.43 1.83
C THR A 197 0.46 42.52 0.91
N CYS A 198 0.86 42.42 -0.36
CA CYS A 198 0.22 41.54 -1.33
C CYS A 198 1.13 40.37 -1.63
N CYS A 199 0.57 39.16 -1.58
CA CYS A 199 1.33 37.93 -1.88
C CYS A 199 0.48 36.90 -2.63
N ASP A 200 -0.20 37.35 -3.68
CA ASP A 200 -0.93 36.44 -4.58
C ASP A 200 0.06 35.80 -5.53
N PHE A 201 -0.12 34.50 -5.79
CA PHE A 201 0.81 33.79 -6.66
C PHE A 201 0.51 34.01 -8.14
N PHE A 202 0.98 35.15 -8.66
CA PHE A 202 0.86 35.48 -10.08
C PHE A 202 2.07 34.93 -10.83
N THR A 203 1.83 34.13 -11.85
CA THR A 203 2.94 33.68 -12.70
C THR A 203 2.70 33.94 -14.19
N ASN A 204 3.75 33.80 -14.99
CA ASN A 204 3.58 33.80 -16.43
C ASN A 204 3.23 32.39 -16.90
N GLN A 205 2.55 32.33 -18.03
CA GLN A 205 2.00 31.10 -18.60
C GLN A 205 3.07 30.03 -18.90
N ALA A 206 4.28 30.47 -19.23
CA ALA A 206 5.38 29.56 -19.56
C ALA A 206 5.85 28.76 -18.35
N TYR A 207 6.15 29.47 -17.26
CA TYR A 207 6.49 28.83 -15.99
C TYR A 207 5.31 27.99 -15.47
N ALA A 208 4.11 28.55 -15.53
CA ALA A 208 2.88 27.82 -15.16
C ALA A 208 2.84 26.43 -15.80
N ILE A 209 3.06 26.35 -17.12
CA ILE A 209 3.15 25.05 -17.81
C ILE A 209 4.37 24.24 -17.36
N ALA A 210 5.55 24.87 -17.41
CA ALA A 210 6.84 24.19 -17.13
C ALA A 210 6.91 23.61 -15.72
N SER A 211 6.56 24.41 -14.72
CA SER A 211 6.58 23.95 -13.34
C SER A 211 5.59 22.83 -13.07
N SER A 212 4.38 22.96 -13.58
CA SER A 212 3.31 21.98 -13.36
C SER A 212 3.64 20.61 -13.97
N ILE A 213 4.19 20.63 -15.18
CA ILE A 213 4.49 19.39 -15.86
C ILE A 213 5.57 18.65 -15.08
N VAL A 214 6.71 19.32 -14.87
CA VAL A 214 7.88 18.73 -14.21
C VAL A 214 7.67 18.44 -12.72
N SER A 215 6.86 19.27 -12.04
CA SER A 215 6.65 19.11 -10.62
C SER A 215 5.57 18.09 -10.31
N PHE A 216 4.51 18.08 -11.09
CA PHE A 216 3.33 17.29 -10.76
C PHE A 216 2.99 16.22 -11.79
N TYR A 217 2.79 16.64 -13.04
CA TYR A 217 2.29 15.72 -14.05
C TYR A 217 3.21 14.54 -14.35
N VAL A 218 4.50 14.79 -14.54
CA VAL A 218 5.41 13.73 -14.92
C VAL A 218 5.48 12.62 -13.84
N PRO A 219 5.76 12.99 -12.57
CA PRO A 219 5.78 11.95 -11.55
C PRO A 219 4.38 11.34 -11.29
N LEU A 220 3.32 12.12 -11.49
CA LEU A 220 1.97 11.61 -11.34
C LEU A 220 1.65 10.50 -12.34
N VAL A 221 1.84 10.79 -13.63
CA VAL A 221 1.51 9.86 -14.72
C VAL A 221 2.39 8.60 -14.69
N ILE A 222 3.64 8.74 -14.27
CA ILE A 222 4.50 7.58 -14.11
C ILE A 222 4.00 6.71 -12.95
N MET A 223 3.63 7.37 -11.85
CA MET A 223 3.15 6.69 -10.66
C MET A 223 1.86 5.90 -10.89
N VAL A 224 0.89 6.48 -11.57
CA VAL A 224 -0.37 5.77 -11.86
C VAL A 224 -0.14 4.59 -12.82
N PHE A 225 0.75 4.77 -13.80
CA PHE A 225 1.05 3.70 -14.75
C PHE A 225 1.87 2.60 -14.08
N VAL A 226 2.86 2.98 -13.29
CA VAL A 226 3.75 1.98 -12.70
C VAL A 226 3.07 1.19 -11.59
N TYR A 227 2.29 1.87 -10.75
CA TYR A 227 1.66 1.21 -9.62
C TYR A 227 0.48 0.31 -10.00
N SER A 228 -0.27 0.69 -11.03
CA SER A 228 -1.30 -0.21 -11.54
C SER A 228 -0.63 -1.49 -12.09
N ARG A 229 0.63 -1.37 -12.52
CA ARG A 229 1.38 -2.52 -13.00
C ARG A 229 1.93 -3.39 -11.84
N VAL A 230 2.12 -2.78 -10.67
CA VAL A 230 2.53 -3.52 -9.47
C VAL A 230 1.33 -4.32 -8.93
N PHE A 231 0.17 -3.68 -8.89
CA PHE A 231 -1.10 -4.38 -8.64
C PHE A 231 -1.30 -5.58 -9.57
N GLN A 232 -0.97 -5.41 -10.86
CA GLN A 232 -1.07 -6.51 -11.83
C GLN A 232 -0.10 -7.64 -11.55
N GLU A 233 1.09 -7.29 -11.08
CA GLU A 233 2.13 -8.28 -10.81
C GLU A 233 1.82 -9.10 -9.57
N ALA A 234 1.35 -8.43 -8.51
CA ALA A 234 0.88 -9.09 -7.29
C ALA A 234 -0.16 -10.19 -7.59
N LYS A 235 -1.12 -9.87 -8.44
CA LYS A 235 -2.21 -10.78 -8.81
C LYS A 235 -1.76 -11.90 -9.74
N ARG A 236 -0.93 -11.60 -10.72
CA ARG A 236 -0.41 -12.62 -11.62
C ARG A 236 0.51 -13.59 -10.88
N GLN A 237 1.38 -13.06 -10.02
CA GLN A 237 2.43 -13.85 -9.38
C GLN A 237 1.92 -14.69 -8.22
N LEU A 238 0.63 -14.53 -7.90
CA LEU A 238 -0.06 -15.37 -6.92
C LEU A 238 0.08 -16.83 -7.32
N ASN A 239 0.45 -17.64 -6.34
CA ASN A 239 0.68 -19.07 -6.53
C ASN A 239 0.13 -19.89 -5.37
N ILE A 240 0.19 -21.21 -5.50
CA ILE A 240 -0.34 -22.11 -4.49
C ILE A 240 0.22 -21.90 -3.06
N PHE A 241 1.50 -21.51 -2.97
CA PHE A 241 2.16 -21.25 -1.68
C PHE A 241 1.56 -20.07 -0.91
N GLU A 242 1.31 -18.97 -1.61
CA GLU A 242 0.67 -17.82 -1.00
C GLU A 242 -0.80 -18.10 -0.72
N MET A 243 -1.43 -18.84 -1.64
CA MET A 243 -2.82 -19.24 -1.49
C MET A 243 -3.02 -19.97 -0.18
N LEU A 244 -2.19 -21.00 0.06
CA LEU A 244 -2.33 -21.80 1.27
C LEU A 244 -1.86 -21.06 2.52
N ARG A 245 -1.05 -20.04 2.32
CA ARG A 245 -0.58 -19.23 3.43
C ARG A 245 -1.71 -18.31 3.91
N ILE A 246 -2.52 -17.86 2.96
CA ILE A 246 -3.71 -17.05 3.24
C ILE A 246 -4.76 -17.85 4.03
N ASP A 247 -5.17 -18.99 3.51
CA ASP A 247 -6.20 -19.77 4.18
C ASP A 247 -5.66 -20.96 4.97
N GLU A 248 -4.76 -20.66 5.91
CA GLU A 248 -4.18 -21.64 6.82
C GLU A 248 -3.43 -20.88 7.92
N GLY A 249 -2.95 -19.69 7.57
CA GLY A 249 -2.17 -18.87 8.49
C GLY A 249 -0.78 -19.41 8.73
N LEU A 250 -0.04 -18.73 9.60
CA LEU A 250 1.18 -19.28 10.17
C LEU A 250 1.20 -19.06 11.68
N ARG A 251 1.28 -20.16 12.41
CA ARG A 251 1.42 -20.14 13.85
C ARG A 251 2.69 -20.91 14.17
N LEU A 252 3.50 -20.37 15.09
CA LEU A 252 4.82 -20.92 15.37
C LEU A 252 4.85 -21.82 16.59
N LYS A 253 3.78 -21.78 17.37
CA LYS A 253 3.58 -22.68 18.50
C LYS A 253 2.40 -23.61 18.23
N ILE A 254 2.44 -24.82 18.82
CA ILE A 254 1.41 -25.84 18.64
C ILE A 254 -0.01 -25.35 18.93
N TYR A 255 -0.89 -25.51 17.95
CA TYR A 255 -2.30 -25.11 18.07
C TYR A 255 -3.24 -26.25 17.66
N LYS A 256 -4.55 -25.99 17.73
CA LYS A 256 -5.54 -26.99 17.29
C LYS A 256 -6.32 -26.48 16.09
N ASP A 257 -6.53 -27.33 15.10
CA ASP A 257 -7.38 -26.97 13.96
C ASP A 257 -8.86 -27.05 14.35
N THR A 258 -9.74 -26.77 13.39
CA THR A 258 -11.18 -26.71 13.66
C THR A 258 -11.74 -28.09 13.98
N GLU A 259 -10.95 -29.12 13.73
CA GLU A 259 -11.30 -30.51 14.08
C GLU A 259 -10.77 -30.87 15.46
N GLY A 260 -9.89 -30.03 15.99
CA GLY A 260 -9.29 -30.26 17.31
C GLY A 260 -8.01 -31.07 17.29
N TYR A 261 -7.51 -31.38 16.09
CA TYR A 261 -6.22 -32.08 15.91
C TYR A 261 -5.04 -31.11 16.01
N TYR A 262 -3.99 -31.56 16.69
CA TYR A 262 -2.79 -30.75 16.93
C TYR A 262 -2.05 -30.38 15.64
N THR A 263 -1.82 -29.08 15.46
CA THR A 263 -1.22 -28.55 14.23
C THR A 263 -0.10 -27.55 14.53
N ILE A 264 0.83 -27.39 13.59
CA ILE A 264 1.85 -26.35 13.68
C ILE A 264 2.18 -25.78 12.30
N GLY A 265 2.82 -24.61 12.29
CA GLY A 265 3.29 -23.98 11.05
C GLY A 265 2.16 -23.50 10.17
N ILE A 266 2.24 -23.84 8.89
CA ILE A 266 1.20 -23.53 7.94
C ILE A 266 0.40 -24.81 7.72
N GLY A 267 -0.50 -25.08 8.67
CA GLY A 267 -1.39 -26.23 8.64
C GLY A 267 -0.69 -27.56 8.48
N HIS A 268 0.38 -27.78 9.24
CA HIS A 268 1.03 -29.08 9.29
C HIS A 268 0.52 -29.88 10.47
N LEU A 269 -0.35 -30.84 10.19
CA LEU A 269 -0.92 -31.71 11.21
C LEU A 269 0.16 -32.62 11.80
N LEU A 270 0.20 -32.67 13.13
CA LEU A 270 1.18 -33.46 13.89
C LEU A 270 0.72 -34.88 14.21
N THR A 271 -0.51 -35.01 14.70
CA THR A 271 -1.10 -36.31 15.02
C THR A 271 -2.63 -36.22 15.18
N LYS A 272 -3.33 -37.30 14.89
CA LYS A 272 -4.77 -37.39 15.16
C LYS A 272 -5.02 -37.69 16.65
N SER A 273 -3.98 -38.19 17.33
CA SER A 273 -4.00 -38.49 18.76
C SER A 273 -4.24 -37.23 19.60
N PRO A 274 -4.98 -37.36 20.72
CA PRO A 274 -5.26 -36.20 21.57
C PRO A 274 -4.28 -36.03 22.74
N SER A 275 -3.01 -36.38 22.50
CA SER A 275 -1.96 -36.25 23.51
C SER A 275 -0.87 -35.29 23.03
N LEU A 276 -0.73 -34.16 23.71
CA LEU A 276 0.26 -33.14 23.36
C LEU A 276 1.70 -33.65 23.31
N ASN A 277 2.01 -34.67 24.10
CA ASN A 277 3.34 -35.30 24.08
C ASN A 277 3.60 -36.09 22.80
N ALA A 278 2.55 -36.72 22.28
CA ALA A 278 2.63 -37.42 21.00
C ALA A 278 2.84 -36.39 19.89
N ALA A 279 2.17 -35.24 20.01
CA ALA A 279 2.36 -34.14 19.07
C ALA A 279 3.77 -33.53 19.18
N LYS A 280 4.28 -33.41 20.40
CA LYS A 280 5.65 -32.97 20.60
C LYS A 280 6.63 -33.99 20.07
N SER A 281 6.30 -35.27 20.22
CA SER A 281 7.13 -36.37 19.74
C SER A 281 7.27 -36.35 18.22
N GLU A 282 6.16 -36.09 17.53
CA GLU A 282 6.13 -36.03 16.08
C GLU A 282 6.88 -34.83 15.52
N LEU A 283 6.75 -33.69 16.18
CA LEU A 283 7.46 -32.47 15.77
C LEU A 283 8.97 -32.67 15.80
N ASP A 284 9.48 -33.22 16.90
CA ASP A 284 10.92 -33.45 17.08
C ASP A 284 11.51 -34.36 16.00
N LYS A 285 10.72 -35.32 15.55
CA LYS A 285 11.12 -36.24 14.49
C LYS A 285 11.08 -35.57 13.11
N ALA A 286 10.10 -34.69 12.92
CA ALA A 286 9.88 -34.02 11.63
C ALA A 286 10.90 -32.91 11.36
N ILE A 287 11.42 -32.32 12.44
CA ILE A 287 12.43 -31.27 12.32
C ILE A 287 13.83 -31.84 12.51
N GLY A 288 13.95 -32.82 13.41
CA GLY A 288 15.22 -33.50 13.67
C GLY A 288 15.97 -32.92 14.87
N ARG A 289 15.24 -32.27 15.77
CA ARG A 289 15.84 -31.66 16.96
C ARG A 289 14.82 -31.52 18.11
N ASN A 290 15.32 -31.24 19.31
CA ASN A 290 14.47 -30.89 20.45
C ASN A 290 13.86 -29.50 20.26
N THR A 291 12.54 -29.47 20.10
CA THR A 291 11.83 -28.23 19.75
C THR A 291 11.08 -27.62 20.93
N ASN A 292 10.51 -28.48 21.77
CA ASN A 292 9.67 -28.07 22.89
C ASN A 292 8.34 -27.46 22.45
N GLY A 293 7.84 -27.93 21.29
CA GLY A 293 6.55 -27.49 20.77
C GLY A 293 6.54 -26.10 20.15
N VAL A 294 7.72 -25.59 19.81
CA VAL A 294 7.89 -24.28 19.21
C VAL A 294 8.94 -24.33 18.10
N ILE A 295 8.67 -23.64 16.99
CA ILE A 295 9.60 -23.57 15.85
C ILE A 295 9.79 -22.15 15.30
N THR A 296 10.83 -21.98 14.49
CA THR A 296 11.12 -20.73 13.79
C THR A 296 10.41 -20.69 12.44
N LYS A 297 10.39 -19.51 11.80
CA LYS A 297 9.79 -19.33 10.48
C LYS A 297 10.54 -20.11 9.39
N ASP A 298 11.82 -20.35 9.62
CA ASP A 298 12.65 -21.12 8.70
C ASP A 298 12.24 -22.60 8.69
N GLU A 299 11.90 -23.12 9.88
CA GLU A 299 11.55 -24.54 10.06
C GLU A 299 10.16 -24.88 9.51
N ALA A 300 9.23 -23.94 9.62
CA ALA A 300 7.86 -24.13 9.16
C ALA A 300 7.76 -24.08 7.64
N GLU A 301 8.67 -23.31 7.03
CA GLU A 301 8.69 -23.08 5.58
C GLU A 301 9.00 -24.36 4.78
N LYS A 302 9.87 -25.22 5.33
CA LYS A 302 10.26 -26.45 4.65
C LYS A 302 9.30 -27.60 4.88
N LEU A 303 8.49 -27.50 5.95
CA LEU A 303 7.37 -28.42 6.20
C LEU A 303 6.24 -28.15 5.20
N PHE A 304 5.96 -26.86 5.00
CA PHE A 304 5.03 -26.39 4.00
C PHE A 304 5.47 -26.84 2.61
N ASN A 305 6.76 -26.68 2.31
CA ASN A 305 7.35 -27.08 1.03
C ASN A 305 7.31 -28.59 0.79
N GLN A 306 7.43 -29.37 1.87
CA GLN A 306 7.26 -30.82 1.81
C GLN A 306 5.78 -31.20 1.69
N ASP A 307 4.92 -30.47 2.40
CA ASP A 307 3.47 -30.71 2.34
C ASP A 307 2.85 -30.44 0.98
N VAL A 308 3.29 -29.39 0.30
CA VAL A 308 2.76 -29.08 -1.03
C VAL A 308 3.32 -30.07 -2.05
N ASP A 309 4.59 -30.44 -1.88
CA ASP A 309 5.18 -31.51 -2.70
C ASP A 309 4.37 -32.78 -2.58
N ALA A 310 4.03 -33.14 -1.34
CA ALA A 310 3.32 -34.38 -1.03
C ALA A 310 1.93 -34.39 -1.62
N ALA A 311 1.21 -33.27 -1.49
CA ALA A 311 -0.15 -33.16 -2.01
C ALA A 311 -0.16 -33.25 -3.54
N VAL A 312 0.88 -32.70 -4.17
CA VAL A 312 1.08 -32.81 -5.61
C VAL A 312 1.46 -34.25 -5.99
N ARG A 313 2.40 -34.84 -5.24
CA ARG A 313 2.84 -36.22 -5.49
C ARG A 313 1.69 -37.20 -5.28
N GLY A 314 0.80 -36.85 -4.35
CA GLY A 314 -0.40 -37.64 -4.12
C GLY A 314 -1.32 -37.59 -5.33
N ILE A 315 -1.48 -36.39 -5.89
CA ILE A 315 -2.35 -36.16 -7.05
C ILE A 315 -1.98 -37.06 -8.24
N LEU A 316 -0.70 -37.14 -8.55
CA LEU A 316 -0.21 -37.90 -9.72
C LEU A 316 -0.12 -39.41 -9.43
N ARG A 317 -0.24 -39.77 -8.16
CA ARG A 317 -0.19 -41.17 -7.73
C ARG A 317 -1.61 -41.75 -7.77
N ASN A 318 -2.60 -40.89 -7.50
CA ASN A 318 -3.99 -41.30 -7.49
C ASN A 318 -4.57 -41.45 -8.90
N ALA A 319 -5.32 -42.54 -9.09
CA ALA A 319 -5.97 -42.85 -10.35
C ALA A 319 -7.03 -41.80 -10.76
N LYS A 320 -7.89 -41.42 -9.82
CA LYS A 320 -8.98 -40.50 -10.13
C LYS A 320 -8.56 -39.03 -10.28
N LEU A 321 -7.57 -38.61 -9.50
CA LEU A 321 -7.14 -37.20 -9.46
C LEU A 321 -6.19 -36.78 -10.59
N LYS A 322 -5.38 -37.72 -11.04
CA LYS A 322 -4.39 -37.51 -12.11
C LYS A 322 -4.92 -36.82 -13.39
N PRO A 323 -5.99 -37.35 -14.01
CA PRO A 323 -6.45 -36.80 -15.28
C PRO A 323 -6.93 -35.35 -15.16
N VAL A 324 -7.80 -35.11 -14.18
CA VAL A 324 -8.36 -33.79 -13.89
C VAL A 324 -7.28 -32.72 -13.86
N TYR A 325 -6.27 -32.94 -13.00
CA TYR A 325 -5.15 -32.03 -12.82
C TYR A 325 -4.51 -31.58 -14.14
N ASP A 326 -4.22 -32.55 -15.02
CA ASP A 326 -3.64 -32.27 -16.33
C ASP A 326 -4.49 -31.35 -17.19
N SER A 327 -5.80 -31.57 -17.19
CA SER A 327 -6.72 -30.76 -17.97
C SER A 327 -6.78 -29.29 -17.53
N LEU A 328 -6.34 -29.03 -16.30
CA LEU A 328 -6.53 -27.71 -15.68
C LEU A 328 -5.40 -26.72 -15.90
N ASP A 329 -5.78 -25.45 -15.98
CA ASP A 329 -4.86 -24.32 -16.05
C ASP A 329 -4.16 -24.13 -14.72
N ALA A 330 -2.98 -23.51 -14.74
CA ALA A 330 -2.13 -23.36 -13.56
C ALA A 330 -2.87 -22.82 -12.33
N VAL A 331 -3.94 -22.06 -12.56
CA VAL A 331 -4.72 -21.47 -11.47
C VAL A 331 -5.69 -22.48 -10.82
N ARG A 332 -6.49 -23.16 -11.63
CA ARG A 332 -7.41 -24.17 -11.10
C ARG A 332 -6.66 -25.35 -10.49
N ARG A 333 -5.49 -25.65 -11.05
CA ARG A 333 -4.57 -26.65 -10.49
C ARG A 333 -4.23 -26.34 -9.04
N ALA A 334 -4.02 -25.07 -8.73
CA ALA A 334 -3.61 -24.66 -7.39
C ALA A 334 -4.72 -24.90 -6.36
N ALA A 335 -5.96 -24.68 -6.79
CA ALA A 335 -7.16 -24.95 -6.00
C ALA A 335 -7.27 -26.42 -5.66
N LEU A 336 -7.05 -27.27 -6.66
CA LEU A 336 -7.01 -28.73 -6.46
C LEU A 336 -5.96 -29.14 -5.43
N ILE A 337 -4.73 -28.62 -5.55
CA ILE A 337 -3.69 -28.90 -4.55
C ILE A 337 -4.16 -28.43 -3.16
N ASN A 338 -4.66 -27.19 -3.08
CA ASN A 338 -5.22 -26.63 -1.84
C ASN A 338 -6.10 -27.63 -1.08
N MET A 339 -7.05 -28.24 -1.80
CA MET A 339 -7.97 -29.24 -1.23
C MET A 339 -7.28 -30.48 -0.66
N VAL A 340 -6.36 -31.05 -1.45
CA VAL A 340 -5.59 -32.24 -1.07
C VAL A 340 -4.66 -31.94 0.10
N PHE A 341 -4.27 -30.68 0.24
CA PHE A 341 -3.53 -30.21 1.41
C PHE A 341 -4.41 -30.38 2.66
N GLN A 342 -5.67 -30.02 2.51
CA GLN A 342 -6.62 -30.05 3.62
C GLN A 342 -7.16 -31.46 3.92
N MET A 343 -7.33 -32.28 2.90
CA MET A 343 -8.11 -33.51 3.06
C MET A 343 -7.40 -34.80 2.68
N GLY A 344 -6.30 -34.68 1.94
CA GLY A 344 -5.58 -35.84 1.41
C GLY A 344 -6.23 -36.32 0.14
N GLU A 345 -5.50 -37.16 -0.60
CA GLU A 345 -5.95 -37.62 -1.94
C GLU A 345 -7.21 -38.43 -1.88
N THR A 346 -7.23 -39.43 -1.00
CA THR A 346 -8.38 -40.31 -0.79
C THR A 346 -9.69 -39.54 -0.56
N GLY A 347 -9.64 -38.54 0.32
CA GLY A 347 -10.82 -37.71 0.61
C GLY A 347 -11.28 -36.89 -0.59
N VAL A 348 -10.33 -36.32 -1.32
CA VAL A 348 -10.60 -35.42 -2.44
C VAL A 348 -11.10 -36.19 -3.66
N ALA A 349 -10.60 -37.42 -3.82
CA ALA A 349 -11.06 -38.33 -4.86
C ALA A 349 -12.51 -38.77 -4.65
N GLY A 350 -13.06 -38.45 -3.49
CA GLY A 350 -14.45 -38.77 -3.15
C GLY A 350 -15.46 -37.86 -3.84
N PHE A 351 -14.99 -36.71 -4.32
CA PHE A 351 -15.83 -35.74 -5.02
C PHE A 351 -16.03 -36.13 -6.49
N THR A 352 -16.44 -37.38 -6.70
CA THR A 352 -16.41 -37.99 -8.03
C THR A 352 -17.27 -37.25 -9.05
N ASN A 353 -18.43 -36.78 -8.61
CA ASN A 353 -19.31 -35.99 -9.47
C ASN A 353 -18.63 -34.70 -9.96
N SER A 354 -18.03 -33.97 -9.04
CA SER A 354 -17.41 -32.68 -9.33
C SER A 354 -16.14 -32.82 -10.16
N LEU A 355 -15.37 -33.88 -9.89
CA LEU A 355 -14.12 -34.14 -10.59
C LEU A 355 -14.33 -34.44 -12.06
N ARG A 356 -15.51 -35.00 -12.36
CA ARG A 356 -15.93 -35.36 -13.71
C ARG A 356 -16.11 -34.11 -14.58
N MET A 357 -16.49 -33.01 -13.94
CA MET A 357 -16.86 -31.79 -14.66
C MET A 357 -15.75 -30.76 -14.79
N LEU A 358 -14.85 -30.72 -13.82
CA LEU A 358 -13.67 -29.87 -13.92
C LEU A 358 -12.81 -30.35 -15.08
N GLN A 359 -12.79 -31.66 -15.27
CA GLN A 359 -12.14 -32.31 -16.41
C GLN A 359 -12.85 -31.96 -17.72
N GLN A 360 -14.18 -31.81 -17.65
CA GLN A 360 -14.98 -31.47 -18.82
C GLN A 360 -15.18 -29.95 -18.96
N LYS A 361 -14.40 -29.19 -18.19
CA LYS A 361 -14.39 -27.72 -18.22
C LYS A 361 -15.74 -27.05 -17.95
N ARG A 362 -16.64 -27.79 -17.31
CA ARG A 362 -17.97 -27.29 -16.97
C ARG A 362 -17.90 -26.66 -15.58
N TRP A 363 -17.52 -25.38 -15.55
CA TRP A 363 -17.05 -24.74 -14.33
C TRP A 363 -18.13 -24.45 -13.29
N ASP A 364 -19.28 -23.99 -13.76
CA ASP A 364 -20.37 -23.61 -12.87
C ASP A 364 -21.15 -24.83 -12.37
N GLU A 365 -21.00 -25.95 -13.08
CA GLU A 365 -21.68 -27.19 -12.72
C GLU A 365 -20.91 -27.95 -11.65
N ALA A 366 -19.58 -27.81 -11.69
CA ALA A 366 -18.71 -28.38 -10.65
C ALA A 366 -18.86 -27.60 -9.34
N ALA A 367 -18.86 -26.27 -9.46
CA ALA A 367 -19.00 -25.37 -8.32
C ALA A 367 -20.28 -25.60 -7.51
N VAL A 368 -21.35 -26.02 -8.18
CA VAL A 368 -22.62 -26.33 -7.53
C VAL A 368 -22.50 -27.63 -6.73
N ASN A 369 -21.84 -28.64 -7.30
CA ASN A 369 -21.59 -29.92 -6.64
C ASN A 369 -20.54 -29.88 -5.52
N LEU A 370 -19.66 -28.88 -5.52
CA LEU A 370 -18.69 -28.69 -4.44
C LEU A 370 -19.31 -27.98 -3.23
N ALA A 371 -20.35 -27.18 -3.48
CA ALA A 371 -21.12 -26.53 -2.42
C ALA A 371 -22.00 -27.54 -1.66
N LYS A 372 -22.44 -28.58 -2.37
CA LYS A 372 -23.18 -29.69 -1.77
C LYS A 372 -22.19 -30.65 -1.11
N SER A 373 -21.57 -30.21 -0.02
CA SER A 373 -20.54 -31.02 0.62
C SER A 373 -20.44 -30.83 2.13
N ARG A 374 -19.82 -31.81 2.78
CA ARG A 374 -19.45 -31.73 4.19
C ARG A 374 -18.33 -30.71 4.35
N TRP A 375 -17.48 -30.64 3.33
CA TRP A 375 -16.34 -29.73 3.27
C TRP A 375 -16.77 -28.26 3.32
N TYR A 376 -17.81 -27.93 2.55
CA TYR A 376 -18.42 -26.60 2.57
C TYR A 376 -18.98 -26.31 3.95
N ASN A 377 -19.64 -27.32 4.52
CA ASN A 377 -20.24 -27.24 5.84
C ASN A 377 -19.18 -27.04 6.93
N GLN A 378 -18.15 -27.89 6.93
CA GLN A 378 -17.08 -27.86 7.94
C GLN A 378 -16.38 -26.50 8.05
N THR A 379 -15.90 -25.96 6.92
CA THR A 379 -15.30 -24.63 6.88
C THR A 379 -15.70 -23.94 5.57
N PRO A 380 -16.36 -22.77 5.66
CA PRO A 380 -16.89 -22.05 4.49
C PRO A 380 -16.07 -20.84 4.00
N ASN A 381 -15.52 -20.05 4.92
CA ASN A 381 -14.65 -18.92 4.55
C ASN A 381 -13.56 -19.36 3.58
N ARG A 382 -13.10 -20.59 3.74
CA ARG A 382 -12.01 -21.13 2.93
C ARG A 382 -12.52 -21.86 1.69
N ALA A 383 -13.58 -22.64 1.84
CA ALA A 383 -14.16 -23.38 0.74
C ALA A 383 -14.67 -22.44 -0.35
N LYS A 384 -15.44 -21.43 0.06
CA LYS A 384 -16.01 -20.45 -0.87
C LYS A 384 -14.95 -19.86 -1.81
N ARG A 385 -13.77 -19.55 -1.26
CA ARG A 385 -12.65 -19.04 -2.05
C ARG A 385 -12.14 -20.06 -3.07
N VAL A 386 -11.90 -21.28 -2.60
CA VAL A 386 -11.43 -22.39 -3.44
C VAL A 386 -12.38 -22.63 -4.61
N ILE A 387 -13.67 -22.82 -4.30
CA ILE A 387 -14.72 -23.00 -5.32
C ILE A 387 -14.72 -21.86 -6.32
N THR A 388 -14.75 -20.62 -5.85
CA THR A 388 -14.69 -19.44 -6.74
C THR A 388 -13.49 -19.51 -7.70
N THR A 389 -12.34 -19.95 -7.18
CA THR A 389 -11.14 -20.12 -8.01
C THR A 389 -11.40 -21.16 -9.11
N PHE A 390 -12.01 -22.29 -8.74
CA PHE A 390 -12.39 -23.32 -9.69
C PHE A 390 -13.42 -22.80 -10.70
N ARG A 391 -14.17 -21.77 -10.30
CA ARG A 391 -15.26 -21.27 -11.10
C ARG A 391 -14.78 -20.24 -12.11
N THR A 392 -14.03 -19.26 -11.63
CA THR A 392 -13.61 -18.15 -12.47
C THR A 392 -12.26 -18.39 -13.16
N GLY A 393 -11.44 -19.28 -12.60
CA GLY A 393 -10.08 -19.50 -13.10
C GLY A 393 -9.16 -18.33 -12.81
N THR A 394 -9.58 -17.45 -11.90
CA THR A 394 -8.86 -16.24 -11.56
C THR A 394 -8.56 -16.21 -10.04
N TRP A 395 -7.66 -15.32 -9.63
CA TRP A 395 -7.33 -15.18 -8.22
C TRP A 395 -8.25 -14.22 -7.48
N ASP A 396 -9.34 -13.81 -8.13
CA ASP A 396 -10.23 -12.76 -7.59
C ASP A 396 -10.65 -12.96 -6.13
N ALA A 397 -10.78 -14.21 -5.69
CA ALA A 397 -11.17 -14.53 -4.31
C ALA A 397 -10.08 -14.27 -3.27
N TYR A 398 -8.84 -14.10 -3.74
CA TYR A 398 -7.66 -13.95 -2.87
C TYR A 398 -6.99 -12.57 -2.93
N LYS A 399 -7.62 -11.65 -3.65
CA LYS A 399 -7.16 -10.26 -3.75
C LYS A 399 -7.00 -9.63 -2.37
N PHE A 400 -5.81 -9.07 -2.12
CA PHE A 400 -5.54 -8.30 -0.90
C PHE A 400 -5.79 -9.10 0.39
N CYS A 401 -5.54 -10.40 0.33
CA CYS A 401 -5.68 -11.26 1.50
C CYS A 401 -4.34 -11.51 2.16
N LEU A 402 -3.27 -11.47 1.37
CA LEU A 402 -1.94 -11.69 1.89
C LEU A 402 -1.47 -10.40 2.56
N LYS A 403 -0.69 -10.54 3.62
CA LYS A 403 -0.22 -9.40 4.41
C LYS A 403 0.55 -8.39 3.55
N GLU A 404 1.44 -8.90 2.69
CA GLU A 404 2.22 -8.03 1.81
C GLU A 404 1.36 -7.37 0.74
N HIS A 405 0.19 -7.96 0.47
CA HIS A 405 -0.75 -7.41 -0.52
C HIS A 405 -1.61 -6.34 0.10
N LYS A 406 -2.06 -6.58 1.33
CA LYS A 406 -2.69 -5.55 2.15
C LYS A 406 -1.76 -4.34 2.33
N ALA A 407 -0.45 -4.62 2.46
CA ALA A 407 0.57 -3.57 2.58
C ALA A 407 0.67 -2.73 1.30
N LEU A 408 0.60 -3.39 0.14
CA LEU A 408 0.61 -2.70 -1.16
C LEU A 408 -0.66 -1.89 -1.42
N LYS A 409 -1.82 -2.40 -0.99
CA LYS A 409 -3.08 -1.64 -1.08
C LYS A 409 -3.04 -0.31 -0.32
N THR A 410 -2.50 -0.34 0.90
CA THR A 410 -2.34 0.86 1.70
C THR A 410 -1.56 1.92 0.90
N LEU A 411 -0.37 1.54 0.42
CA LEU A 411 0.45 2.46 -0.37
C LEU A 411 -0.35 3.04 -1.53
N GLY A 412 -1.10 2.17 -2.21
CA GLY A 412 -2.01 2.57 -3.30
C GLY A 412 -3.06 3.57 -2.85
N ILE A 413 -3.53 3.43 -1.60
CA ILE A 413 -4.53 4.33 -1.05
C ILE A 413 -3.93 5.70 -0.77
N ILE A 414 -2.68 5.73 -0.29
CA ILE A 414 -1.91 6.97 -0.16
C ILE A 414 -1.84 7.69 -1.50
N MET A 415 -1.32 6.98 -2.51
CA MET A 415 -1.20 7.51 -3.86
C MET A 415 -2.54 7.99 -4.42
N GLY A 416 -3.55 7.12 -4.39
CA GLY A 416 -4.90 7.46 -4.87
C GLY A 416 -5.48 8.72 -4.25
N THR A 417 -5.38 8.82 -2.92
CA THR A 417 -5.86 10.00 -2.18
C THR A 417 -5.12 11.29 -2.55
N PHE A 418 -3.78 11.23 -2.60
CA PHE A 418 -2.95 12.38 -3.03
C PHE A 418 -3.37 12.91 -4.39
N THR A 419 -3.56 12.00 -5.34
CA THR A 419 -4.09 12.33 -6.66
C THR A 419 -5.44 13.04 -6.58
N LEU A 420 -6.41 12.41 -5.91
CA LEU A 420 -7.76 12.99 -5.80
C LEU A 420 -7.72 14.41 -5.23
N CYS A 421 -6.93 14.61 -4.16
CA CYS A 421 -6.85 15.89 -3.47
C CYS A 421 -6.13 16.99 -4.27
N TRP A 422 -5.10 16.63 -5.03
CA TRP A 422 -4.32 17.63 -5.74
C TRP A 422 -4.71 17.84 -7.20
N LEU A 423 -5.07 16.76 -7.88
CA LEU A 423 -5.41 16.82 -9.31
C LEU A 423 -6.38 17.95 -9.74
N PRO A 424 -7.50 18.15 -9.00
CA PRO A 424 -8.43 19.22 -9.36
C PRO A 424 -7.73 20.55 -9.49
N PHE A 425 -7.00 20.91 -8.43
CA PHE A 425 -6.16 22.11 -8.37
C PHE A 425 -5.27 22.24 -9.59
N PHE A 426 -4.49 21.20 -9.89
CA PHE A 426 -3.53 21.24 -10.99
C PHE A 426 -4.15 21.24 -12.39
N ILE A 427 -5.30 20.58 -12.54
CA ILE A 427 -6.07 20.62 -13.79
C ILE A 427 -6.57 22.05 -14.02
N VAL A 428 -7.14 22.64 -12.96
CA VAL A 428 -7.74 23.97 -13.02
C VAL A 428 -6.66 25.05 -13.11
N ASN A 429 -5.49 24.71 -12.59
CA ASN A 429 -4.30 25.53 -12.77
C ASN A 429 -4.05 25.73 -14.25
N ILE A 430 -3.92 24.63 -14.99
CA ILE A 430 -3.59 24.66 -16.41
C ILE A 430 -4.73 25.13 -17.34
N VAL A 431 -5.97 24.96 -16.91
CA VAL A 431 -7.12 25.53 -17.61
C VAL A 431 -7.13 27.07 -17.52
N HIS A 432 -6.58 27.61 -16.43
CA HIS A 432 -6.40 29.06 -16.26
C HIS A 432 -5.35 29.67 -17.21
N VAL A 433 -4.46 28.85 -17.75
CA VAL A 433 -3.42 29.31 -18.68
C VAL A 433 -3.98 29.49 -20.10
N ILE A 434 -4.77 28.51 -20.54
CA ILE A 434 -5.41 28.56 -21.87
C ILE A 434 -6.45 29.69 -21.94
N GLN A 435 -7.63 29.46 -21.37
CA GLN A 435 -8.66 30.50 -21.25
C GLN A 435 -8.61 31.09 -19.83
N ASP A 436 -8.02 32.28 -19.73
CA ASP A 436 -7.61 32.84 -18.42
C ASP A 436 -8.72 33.42 -17.54
N ASN A 437 -9.88 33.70 -18.14
CA ASN A 437 -10.97 34.36 -17.42
C ASN A 437 -12.11 33.41 -17.02
N LEU A 438 -11.76 32.17 -16.70
CA LEU A 438 -12.76 31.13 -16.44
C LEU A 438 -12.81 30.65 -14.98
N ILE A 439 -11.68 30.68 -14.29
CA ILE A 439 -11.60 30.23 -12.89
C ILE A 439 -11.36 31.35 -11.87
N ARG A 440 -12.22 31.40 -10.85
CA ARG A 440 -12.20 32.46 -9.83
C ARG A 440 -11.12 32.25 -8.75
N LYS A 441 -10.57 33.35 -8.24
CA LYS A 441 -9.57 33.30 -7.15
C LYS A 441 -10.07 32.51 -5.93
N GLU A 442 -11.37 32.62 -5.65
CA GLU A 442 -12.01 31.88 -4.56
C GLU A 442 -11.95 30.38 -4.83
N VAL A 443 -12.28 29.99 -6.06
CA VAL A 443 -12.22 28.60 -6.51
C VAL A 443 -10.80 28.06 -6.46
N TYR A 444 -9.84 28.88 -6.91
CA TYR A 444 -8.43 28.52 -6.91
C TYR A 444 -7.91 28.23 -5.49
N ILE A 445 -8.05 29.21 -4.60
CA ILE A 445 -7.64 29.04 -3.20
C ILE A 445 -8.28 27.80 -2.55
N LEU A 446 -9.59 27.61 -2.75
CA LEU A 446 -10.30 26.46 -2.19
C LEU A 446 -9.70 25.13 -2.66
N LEU A 447 -9.44 25.00 -3.97
CA LEU A 447 -8.89 23.78 -4.53
C LEU A 447 -7.47 23.53 -4.02
N ASN A 448 -6.73 24.61 -3.75
CA ASN A 448 -5.45 24.50 -3.07
C ASN A 448 -5.58 23.94 -1.67
N TRP A 449 -6.65 24.33 -0.96
CA TRP A 449 -6.88 23.86 0.41
C TRP A 449 -7.32 22.41 0.51
N ILE A 450 -8.02 21.92 -0.52
CA ILE A 450 -8.26 20.47 -0.64
C ILE A 450 -6.91 19.75 -0.71
N GLY A 451 -5.95 20.37 -1.39
CA GLY A 451 -4.57 19.91 -1.38
C GLY A 451 -3.97 19.92 0.01
N TYR A 452 -4.03 21.08 0.69
CA TYR A 452 -3.43 21.22 2.03
C TYR A 452 -3.90 20.14 2.98
N VAL A 453 -5.21 19.88 2.96
CA VAL A 453 -5.83 18.92 3.87
C VAL A 453 -5.32 17.47 3.66
N ASN A 454 -4.68 17.21 2.52
CA ASN A 454 -4.10 15.90 2.24
C ASN A 454 -2.94 15.55 3.17
N SER A 455 -2.23 16.60 3.63
CA SER A 455 -1.11 16.45 4.56
C SER A 455 -1.51 15.76 5.87
N GLY A 456 -2.81 15.63 6.10
CA GLY A 456 -3.32 15.01 7.32
C GLY A 456 -3.87 13.60 7.16
N PHE A 457 -4.09 13.15 5.93
CA PHE A 457 -4.75 11.86 5.71
C PHE A 457 -3.87 10.62 5.87
N ASN A 458 -2.60 10.76 5.51
CA ASN A 458 -1.65 9.64 5.61
C ASN A 458 -1.64 8.94 6.98
N PRO A 459 -1.38 9.70 8.07
CA PRO A 459 -1.32 9.06 9.39
C PRO A 459 -2.54 8.19 9.71
N LEU A 460 -3.74 8.63 9.33
CA LEU A 460 -4.94 7.82 9.48
C LEU A 460 -4.84 6.55 8.65
N ILE A 461 -4.62 6.71 7.35
CA ILE A 461 -4.47 5.58 6.44
C ILE A 461 -3.48 4.53 6.98
N TYR A 462 -2.40 4.98 7.63
CA TYR A 462 -1.40 4.06 8.17
C TYR A 462 -1.92 3.19 9.32
N CYS A 463 -3.12 3.49 9.82
CA CYS A 463 -3.74 2.69 10.87
C CYS A 463 -4.24 1.34 10.36
N ARG A 464 -4.28 1.19 9.05
CA ARG A 464 -4.49 -0.09 8.39
C ARG A 464 -3.33 -1.06 8.65
N SER A 465 -2.11 -0.54 8.74
CA SER A 465 -0.93 -1.35 9.03
C SER A 465 -0.87 -1.78 10.51
N PRO A 466 -0.95 -3.09 10.77
CA PRO A 466 -0.84 -3.57 12.16
C PRO A 466 0.48 -3.15 12.80
N ASP A 467 1.57 -3.18 12.04
CA ASP A 467 2.88 -2.73 12.53
C ASP A 467 2.85 -1.26 12.97
N PHE A 468 2.13 -0.43 12.23
CA PHE A 468 1.99 0.98 12.56
C PHE A 468 1.02 1.25 13.71
N ARG A 469 0.01 0.38 13.87
CA ARG A 469 -0.91 0.50 15.00
C ARG A 469 -0.20 0.27 16.34
N ILE A 470 0.39 -0.91 16.50
CA ILE A 470 1.14 -1.25 17.71
C ILE A 470 2.14 -0.12 18.06
N ALA A 471 2.71 0.48 17.02
CA ALA A 471 3.65 1.58 17.15
C ALA A 471 2.98 2.85 17.67
N PHE A 472 1.79 3.16 17.15
CA PHE A 472 1.06 4.36 17.56
C PHE A 472 0.61 4.26 18.99
N GLN A 473 0.09 3.11 19.39
CA GLN A 473 -0.42 2.97 20.76
C GLN A 473 0.69 2.95 21.82
N GLU A 474 1.80 2.30 21.52
CA GLU A 474 2.99 2.37 22.39
C GLU A 474 3.44 3.82 22.59
N LEU A 475 3.39 4.61 21.53
CA LEU A 475 3.78 6.02 21.58
C LEU A 475 2.71 6.91 22.21
N LEU A 476 1.45 6.50 22.09
CA LEU A 476 0.35 7.23 22.72
C LEU A 476 0.07 6.70 24.12
N CYS A 477 0.87 5.73 24.55
CA CYS A 477 0.71 5.03 25.84
C CYS A 477 -0.72 4.50 26.05
N LEU A 478 -1.08 3.51 25.23
CA LEU A 478 -2.41 2.85 25.27
C LEU A 478 -2.32 1.35 24.98
#